data_3DY6
#
_entry.id   3DY6
#
_cell.length_a   39.886
_cell.length_b   94.324
_cell.length_c   97.066
_cell.angle_alpha   90.00
_cell.angle_beta   98.30
_cell.angle_gamma   90.00
#
_symmetry.space_group_name_H-M   'P 1 21 1'
#
loop_
_entity.id
_entity.type
_entity.pdbx_description
1 polymer 'Peroxisome proliferator-activated receptor delta'
2 non-polymer 'IODIDE ION'
3 non-polymer '2-({[3-(3,4-dihydroisoquinolin-2(1H)-ylsulfonyl)phenyl]carbonyl}amino)benzoic acid'
4 water water
#
_entity_poly.entity_id   1
_entity_poly.type   'polypeptide(L)'
_entity_poly.pdbx_seq_one_letter_code
;QVADLKAFSKHIYNAYLKNFNMTKKKARSILTGKASHTAPFVIHDIETLWQAEKGLVWKQLVNGLPPYKEISVHVFYRCQ
CTTVETVRELTEFAKSIPSFSSLFLNDQVTLLKYGVHEAIFAMLASIVNKDGLLVANGSGFVTREFLRSLRKPFSDIIEP
KFEFAVKFNALELDDSDLALFIAAIILCGDRPGLMNVPRVEAIQDTILRALEFHLQANHPDAQYLFPKLLQKMADLRQLV
TEHAQMMQRIKKTETETSLHPLLQEIYKDMY
;
_entity_poly.pdbx_strand_id   A,B
#
loop_
_chem_comp.id
_chem_comp.type
_chem_comp.name
_chem_comp.formula
DY6 non-polymer '2-({[3-(3,4-dihydroisoquinolin-2(1H)-ylsulfonyl)phenyl]carbonyl}amino)benzoic acid' 'C23 H20 N2 O5 S'
IOD non-polymer 'IODIDE ION' 'I -1'
#
# COMPACT_ATOMS: atom_id res chain seq x y z
N VAL A 2 -39.88 16.38 20.41
CA VAL A 2 -39.33 15.09 19.89
C VAL A 2 -39.11 15.11 18.38
N ALA A 3 -39.94 15.89 17.68
CA ALA A 3 -39.89 15.96 16.22
C ALA A 3 -38.80 16.93 15.75
N ASP A 4 -38.79 18.15 16.29
CA ASP A 4 -37.75 19.12 15.97
C ASP A 4 -36.39 18.59 16.40
N LEU A 5 -36.41 17.61 17.31
CA LEU A 5 -35.18 17.01 17.84
C LEU A 5 -34.65 15.84 17.03
N LYS A 6 -35.54 15.11 16.37
CA LYS A 6 -35.12 14.09 15.41
C LYS A 6 -34.35 14.77 14.28
N ALA A 7 -34.93 15.87 13.78
CA ALA A 7 -34.33 16.67 12.70
C ALA A 7 -32.95 17.20 13.08
N PHE A 8 -32.91 17.93 14.19
CA PHE A 8 -31.69 18.55 14.70
C PHE A 8 -30.52 17.55 14.77
N SER A 9 -30.77 16.39 15.39
CA SER A 9 -29.75 15.34 15.55
C SER A 9 -29.17 14.90 14.23
N LYS A 10 -30.04 14.68 13.23
CA LYS A 10 -29.61 14.22 11.90
C LYS A 10 -28.72 15.26 11.22
N HIS A 11 -29.10 16.53 11.36
CA HIS A 11 -28.34 17.68 10.85
C HIS A 11 -26.92 17.74 11.42
N ILE A 12 -26.80 17.51 12.71
CA ILE A 12 -25.49 17.46 13.37
C ILE A 12 -24.66 16.25 12.93
N TYR A 13 -25.34 15.12 12.70
CA TYR A 13 -24.67 13.90 12.30
C TYR A 13 -24.04 14.07 10.93
N ASN A 14 -24.68 14.90 10.09
CA ASN A 14 -24.15 15.23 8.78
C ASN A 14 -22.95 16.16 8.86
N ALA A 15 -23.05 17.22 9.66
CA ALA A 15 -21.89 18.08 9.93
C ALA A 15 -20.68 17.27 10.40
N TYR A 16 -20.94 16.28 11.26
CA TYR A 16 -19.93 15.36 11.76
C TYR A 16 -19.28 14.54 10.62
N LEU A 17 -20.11 13.82 9.87
CA LEU A 17 -19.64 12.96 8.78
C LEU A 17 -18.99 13.73 7.63
N LYS A 18 -19.40 14.98 7.42
CA LYS A 18 -18.81 15.84 6.40
C LYS A 18 -17.43 16.37 6.80
N ASN A 19 -17.18 16.50 8.09
CA ASN A 19 -16.03 17.26 8.58
C ASN A 19 -14.87 16.48 9.21
N PHE A 20 -15.13 15.31 9.77
CA PHE A 20 -14.07 14.51 10.35
C PHE A 20 -13.57 13.40 9.42
N ASN A 21 -12.24 13.37 9.20
CA ASN A 21 -11.61 12.36 8.35
CA ASN A 21 -11.59 12.37 8.36
C ASN A 21 -11.73 10.96 8.94
N MET A 22 -11.65 10.85 10.26
CA MET A 22 -11.68 9.55 10.92
C MET A 22 -12.88 9.37 11.86
N THR A 23 -13.85 8.58 11.39
CA THR A 23 -15.01 8.22 12.19
C THR A 23 -14.68 7.02 13.09
N LYS A 24 -15.55 6.72 14.06
CA LYS A 24 -15.39 5.52 14.87
C LYS A 24 -15.69 4.25 14.06
N LYS A 25 -16.68 4.34 13.17
CA LYS A 25 -17.00 3.22 12.28
C LYS A 25 -15.78 2.87 11.40
N LYS A 26 -15.17 3.89 10.80
CA LYS A 26 -14.00 3.68 9.93
C LYS A 26 -12.81 3.13 10.73
N ALA A 27 -12.62 3.67 11.93
CA ALA A 27 -11.53 3.28 12.81
C ALA A 27 -11.67 1.85 13.33
N ARG A 28 -12.85 1.50 13.82
CA ARG A 28 -13.11 0.15 14.35
C ARG A 28 -12.86 -0.95 13.31
N SER A 29 -13.25 -0.67 12.07
CA SER A 29 -13.05 -1.62 10.97
C SER A 29 -11.56 -1.79 10.62
N ILE A 30 -10.76 -0.73 10.79
CA ILE A 30 -9.31 -0.83 10.62
C ILE A 30 -8.70 -1.59 11.80
N LEU A 31 -9.06 -1.18 13.02
CA LEU A 31 -8.61 -1.86 14.23
C LEU A 31 -9.08 -3.32 14.33
N THR A 32 -9.92 -3.74 13.40
CA THR A 32 -10.37 -5.13 13.32
C THR A 32 -10.41 -5.60 11.87
N ALA A 39 -3.78 -3.53 6.34
CA ALA A 39 -3.28 -3.44 7.72
C ALA A 39 -2.49 -2.15 7.95
N PRO A 40 -2.72 -1.48 9.09
CA PRO A 40 -1.85 -0.37 9.45
C PRO A 40 -0.42 -0.82 9.74
N PHE A 41 0.55 0.09 9.60
CA PHE A 41 1.94 -0.20 9.95
C PHE A 41 2.18 0.09 11.42
N VAL A 42 2.65 -0.92 12.15
CA VAL A 42 2.85 -0.82 13.61
C VAL A 42 4.15 -0.10 14.00
N ILE A 43 4.02 1.05 14.64
CA ILE A 43 5.17 1.80 15.16
C ILE A 43 5.33 1.48 16.64
N HIS A 44 6.38 0.71 16.97
CA HIS A 44 6.60 0.28 18.36
C HIS A 44 7.99 0.61 18.90
N ASP A 45 8.85 1.15 18.03
CA ASP A 45 10.22 1.54 18.41
C ASP A 45 10.86 2.49 17.38
N ILE A 46 12.07 2.95 17.70
CA ILE A 46 12.81 3.90 16.84
C ILE A 46 12.98 3.42 15.39
N GLU A 47 13.39 2.18 15.21
CA GLU A 47 13.55 1.64 13.86
C GLU A 47 12.26 1.74 13.05
N THR A 48 11.14 1.33 13.64
CA THR A 48 9.86 1.35 12.94
C THR A 48 9.29 2.76 12.81
N LEU A 49 9.60 3.65 13.75
CA LEU A 49 9.31 5.07 13.61
C LEU A 49 10.08 5.65 12.43
N TRP A 50 11.38 5.36 12.35
CA TRP A 50 12.20 5.83 11.23
C TRP A 50 11.64 5.31 9.92
N GLN A 51 11.23 4.05 9.90
CA GLN A 51 10.62 3.43 8.72
C GLN A 51 9.30 4.07 8.35
N ALA A 52 8.51 4.43 9.37
CA ALA A 52 7.22 5.08 9.15
C ALA A 52 7.40 6.44 8.49
N GLU A 53 8.42 7.17 8.93
CA GLU A 53 8.72 8.48 8.37
C GLU A 53 9.16 8.36 6.91
N LYS A 54 10.08 7.43 6.64
CA LYS A 54 10.73 7.30 5.34
C LYS A 54 9.81 6.97 4.15
N GLY A 55 8.52 6.86 4.40
CA GLY A 55 7.57 6.56 3.35
C GLY A 55 6.40 5.72 3.83
N LEU A 56 6.70 4.67 4.60
CA LEU A 56 5.69 3.67 5.00
C LEU A 56 4.46 4.17 5.78
N VAL A 57 4.45 5.44 6.19
CA VAL A 57 3.30 6.04 6.89
C VAL A 57 3.10 7.53 6.50
N TRP A 58 4.20 8.26 6.37
CA TRP A 58 4.17 9.68 6.01
C TRP A 58 5.01 9.97 4.75
N GLY A 64 5.49 20.51 6.67
CA GLY A 64 6.84 20.56 7.25
C GLY A 64 6.81 20.49 8.77
N LEU A 65 7.90 20.02 9.36
CA LEU A 65 8.02 19.93 10.82
C LEU A 65 9.15 20.83 11.35
N PRO A 66 9.11 21.18 12.65
CA PRO A 66 10.24 21.90 13.28
C PRO A 66 11.49 21.01 13.30
N PRO A 67 12.69 21.62 13.20
CA PRO A 67 13.95 20.87 13.02
C PRO A 67 14.10 19.73 14.03
N TYR A 68 14.67 18.61 13.58
CA TYR A 68 14.83 17.44 14.43
C TYR A 68 15.60 17.78 15.70
N LYS A 69 15.12 17.30 16.84
CA LYS A 69 15.83 17.46 18.12
C LYS A 69 16.15 16.09 18.71
N GLU A 70 15.11 15.30 18.99
CA GLU A 70 15.24 13.95 19.55
C GLU A 70 13.93 13.20 19.43
N ILE A 71 13.91 11.93 19.81
CA ILE A 71 12.74 11.08 19.51
C ILE A 71 11.49 11.43 20.32
N SER A 72 11.68 11.68 21.61
CA SER A 72 10.56 12.04 22.47
C SER A 72 9.95 13.37 22.07
N VAL A 73 10.78 14.27 21.55
CA VAL A 73 10.33 15.59 21.08
C VAL A 73 9.66 15.50 19.72
N HIS A 74 10.20 14.63 18.85
CA HIS A 74 9.63 14.36 17.55
C HIS A 74 8.17 13.92 17.69
N VAL A 75 7.94 12.91 18.53
CA VAL A 75 6.60 12.42 18.80
C VAL A 75 5.70 13.54 19.31
N PHE A 76 6.30 14.41 20.12
CA PHE A 76 5.62 15.54 20.73
C PHE A 76 5.19 16.53 19.66
N TYR A 77 6.02 16.69 18.62
CA TYR A 77 5.69 17.53 17.49
C TYR A 77 4.59 16.94 16.60
N ARG A 78 4.58 15.61 16.46
CA ARG A 78 3.55 14.95 15.69
C ARG A 78 2.19 14.95 16.39
N CYS A 79 2.21 14.96 17.73
CA CYS A 79 0.98 15.13 18.51
C CYS A 79 0.40 16.53 18.30
N GLN A 80 1.27 17.54 18.28
CA GLN A 80 0.87 18.92 18.07
C GLN A 80 0.24 19.13 16.70
N CYS A 81 0.87 18.55 15.69
N CYS A 81 0.87 18.55 15.68
CA CYS A 81 0.40 18.61 14.31
CA CYS A 81 0.37 18.64 14.32
C CYS A 81 -0.99 17.99 14.18
C CYS A 81 -1.00 17.99 14.18
N THR A 82 -1.16 16.80 14.76
CA THR A 82 -2.45 16.12 14.78
C THR A 82 -3.50 16.95 15.53
N THR A 83 -3.11 17.53 16.67
CA THR A 83 -3.98 18.41 17.47
C THR A 83 -4.49 19.60 16.64
N VAL A 84 -3.59 20.26 15.91
CA VAL A 84 -3.93 21.40 15.06
C VAL A 84 -4.90 20.99 13.94
N GLU A 85 -4.57 19.90 13.26
CA GLU A 85 -5.43 19.40 12.18
C GLU A 85 -6.86 19.15 12.69
N THR A 86 -6.98 18.66 13.93
CA THR A 86 -8.29 18.35 14.53
C THR A 86 -9.04 19.60 14.97
N VAL A 87 -8.29 20.62 15.41
CA VAL A 87 -8.88 21.94 15.70
C VAL A 87 -9.54 22.51 14.44
N ARG A 88 -8.91 22.33 13.28
CA ARG A 88 -9.53 22.75 12.02
C ARG A 88 -10.82 22.01 11.74
N GLU A 89 -10.76 20.68 11.82
CA GLU A 89 -11.94 19.84 11.60
C GLU A 89 -13.07 20.25 12.53
N LEU A 90 -12.73 20.47 13.80
CA LEU A 90 -13.70 20.89 14.81
C LEU A 90 -14.23 22.27 14.52
N THR A 91 -13.39 23.13 13.98
CA THR A 91 -13.85 24.48 13.65
C THR A 91 -14.88 24.43 12.54
N GLU A 92 -14.61 23.62 11.52
CA GLU A 92 -15.53 23.43 10.40
C GLU A 92 -16.81 22.71 10.83
N PHE A 93 -16.67 21.79 11.78
CA PHE A 93 -17.81 21.07 12.31
C PHE A 93 -18.77 22.03 12.99
N ALA A 94 -18.23 22.87 13.88
CA ALA A 94 -19.06 23.75 14.68
C ALA A 94 -19.76 24.74 13.77
N LYS A 95 -19.01 25.34 12.86
CA LYS A 95 -19.55 26.29 11.88
C LYS A 95 -20.71 25.69 11.07
N SER A 96 -20.69 24.38 10.90
CA SER A 96 -21.76 23.65 10.22
C SER A 96 -23.02 23.50 11.08
N ILE A 97 -23.00 24.02 12.30
CA ILE A 97 -24.22 24.09 13.09
C ILE A 97 -24.79 25.51 12.98
N PRO A 98 -25.92 25.67 12.26
CA PRO A 98 -26.48 27.02 12.01
C PRO A 98 -26.53 27.89 13.27
N SER A 99 -27.00 27.33 14.38
CA SER A 99 -27.15 28.09 15.64
C SER A 99 -25.79 28.56 16.16
N PHE A 100 -24.76 27.74 15.96
CA PHE A 100 -23.39 28.14 16.28
C PHE A 100 -22.98 29.36 15.43
N SER A 101 -23.15 29.24 14.12
CA SER A 101 -22.75 30.27 13.16
C SER A 101 -23.44 31.59 13.35
N SER A 102 -24.59 31.58 14.01
CA SER A 102 -25.36 32.79 14.24
C SER A 102 -24.91 33.56 15.50
N LEU A 103 -23.93 33.01 16.22
CA LEU A 103 -23.31 33.70 17.35
C LEU A 103 -22.31 34.71 16.83
N PHE A 104 -21.95 35.69 17.65
CA PHE A 104 -20.92 36.65 17.27
C PHE A 104 -19.55 35.98 17.17
N LEU A 105 -18.77 36.37 16.17
CA LEU A 105 -17.52 35.67 15.86
C LEU A 105 -16.58 35.52 17.05
N ASN A 106 -16.58 36.51 17.94
CA ASN A 106 -15.77 36.46 19.15
C ASN A 106 -16.25 35.40 20.15
N ASP A 107 -17.56 35.17 20.21
CA ASP A 107 -18.14 34.08 21.01
C ASP A 107 -17.84 32.70 20.42
N GLN A 108 -17.89 32.59 19.10
CA GLN A 108 -17.53 31.37 18.43
C GLN A 108 -16.12 30.95 18.84
N VAL A 109 -15.18 31.90 18.78
CA VAL A 109 -13.79 31.65 19.16
C VAL A 109 -13.62 31.25 20.64
N THR A 110 -14.35 31.92 21.52
CA THR A 110 -14.34 31.55 22.95
C THR A 110 -14.76 30.09 23.16
N LEU A 111 -15.83 29.66 22.50
CA LEU A 111 -16.35 28.29 22.66
C LEU A 111 -15.32 27.30 22.17
N LEU A 112 -14.74 27.59 21.01
CA LEU A 112 -13.73 26.73 20.42
C LEU A 112 -12.49 26.65 21.28
N LYS A 113 -12.01 27.82 21.71
CA LYS A 113 -10.82 27.92 22.56
C LYS A 113 -10.87 26.96 23.75
N TYR A 114 -11.96 27.01 24.51
CA TYR A 114 -12.11 26.20 25.70
C TYR A 114 -12.70 24.81 25.46
N GLY A 115 -13.29 24.60 24.28
CA GLY A 115 -13.94 23.35 23.93
C GLY A 115 -13.06 22.33 23.26
N VAL A 116 -12.18 22.78 22.36
CA VAL A 116 -11.47 21.86 21.50
C VAL A 116 -10.74 20.70 22.18
N HIS A 117 -9.98 20.98 23.23
CA HIS A 117 -9.23 19.89 23.85
C HIS A 117 -10.13 18.83 24.46
N GLU A 118 -11.19 19.27 25.14
CA GLU A 118 -12.21 18.36 25.65
C GLU A 118 -12.76 17.50 24.51
N ALA A 119 -13.11 18.13 23.39
CA ALA A 119 -13.59 17.42 22.23
C ALA A 119 -12.55 16.44 21.70
N ILE A 120 -11.29 16.87 21.64
CA ILE A 120 -10.22 16.05 21.06
C ILE A 120 -10.03 14.80 21.89
N PHE A 121 -10.05 14.95 23.20
CA PHE A 121 -9.86 13.81 24.07
C PHE A 121 -11.05 12.87 23.97
N ALA A 122 -12.23 13.42 23.71
CA ALA A 122 -13.44 12.62 23.54
C ALA A 122 -13.34 11.76 22.29
N MET A 123 -12.88 12.35 21.20
CA MET A 123 -12.79 11.67 19.91
C MET A 123 -11.62 10.69 19.82
N LEU A 124 -10.60 10.91 20.64
CA LEU A 124 -9.43 10.04 20.67
C LEU A 124 -9.83 8.58 20.93
N ALA A 125 -10.83 8.39 21.79
CA ALA A 125 -11.29 7.06 22.16
C ALA A 125 -11.71 6.24 20.96
N SER A 126 -12.11 6.91 19.88
CA SER A 126 -12.53 6.26 18.64
C SER A 126 -11.39 5.57 17.91
N ILE A 127 -10.17 6.14 18.04
CA ILE A 127 -8.98 5.63 17.33
C ILE A 127 -8.07 4.79 18.23
N VAL A 128 -8.55 4.44 19.40
CA VAL A 128 -7.72 3.83 20.43
C VAL A 128 -8.26 2.47 20.82
N ASN A 129 -7.35 1.52 21.04
CA ASN A 129 -7.67 0.34 21.85
C ASN A 129 -6.70 0.19 23.05
N LYS A 130 -6.79 -0.91 23.78
CA LYS A 130 -5.95 -1.16 24.95
C LYS A 130 -4.44 -1.07 24.62
N ASP A 131 -4.09 -1.31 23.36
CA ASP A 131 -2.71 -1.49 22.94
C ASP A 131 -2.02 -0.29 22.30
N GLY A 132 -2.80 0.61 21.72
CA GLY A 132 -2.23 1.79 21.06
C GLY A 132 -3.26 2.61 20.31
N LEU A 133 -2.82 3.42 19.38
CA LEU A 133 -3.74 4.30 18.65
C LEU A 133 -3.39 4.44 17.18
N LEU A 134 -4.43 4.60 16.36
CA LEU A 134 -4.28 4.82 14.92
C LEU A 134 -3.80 6.23 14.59
N VAL A 135 -2.70 6.32 13.85
CA VAL A 135 -2.16 7.62 13.45
C VAL A 135 -2.16 7.75 11.93
N ALA A 136 -1.95 8.98 11.47
CA ALA A 136 -1.79 9.30 10.05
C ALA A 136 -2.93 8.71 9.23
N ASN A 137 -4.14 9.05 9.64
CA ASN A 137 -5.34 8.70 8.91
C ASN A 137 -5.49 7.18 8.66
N GLY A 138 -5.11 6.38 9.66
CA GLY A 138 -5.32 4.93 9.58
C GLY A 138 -4.16 4.17 8.99
N SER A 139 -3.19 4.88 8.44
CA SER A 139 -2.03 4.25 7.84
C SER A 139 -1.14 3.55 8.86
N GLY A 140 -1.02 4.16 10.04
CA GLY A 140 -0.16 3.65 11.10
C GLY A 140 -0.84 3.38 12.43
N PHE A 141 -0.18 2.58 13.25
CA PHE A 141 -0.64 2.26 14.59
C PHE A 141 0.54 2.40 15.55
N VAL A 142 0.50 3.42 16.41
CA VAL A 142 1.54 3.62 17.41
C VAL A 142 1.12 2.85 18.66
N THR A 143 2.02 2.05 19.21
CA THR A 143 1.73 1.26 20.43
C THR A 143 1.83 2.11 21.69
N ARG A 144 0.90 1.88 22.60
CA ARG A 144 0.87 2.51 23.92
C ARG A 144 2.19 2.28 24.65
N GLU A 145 2.75 1.08 24.50
CA GLU A 145 3.99 0.70 25.15
C GLU A 145 5.13 1.62 24.73
N PHE A 146 5.21 1.89 23.43
CA PHE A 146 6.21 2.80 22.87
C PHE A 146 6.08 4.24 23.37
N LEU A 147 4.84 4.67 23.62
CA LEU A 147 4.58 6.02 24.13
C LEU A 147 4.93 6.20 25.61
N ARG A 148 4.89 5.11 26.37
CA ARG A 148 5.35 5.09 27.77
C ARG A 148 6.87 5.11 27.84
N SER A 149 7.50 4.59 26.78
CA SER A 149 8.95 4.46 26.73
C SER A 149 9.68 5.77 26.42
N LEU A 150 8.93 6.77 25.96
CA LEU A 150 9.49 8.12 25.71
C LEU A 150 9.92 8.74 27.04
N ARG A 151 10.93 9.59 27.01
CA ARG A 151 11.44 10.19 28.25
C ARG A 151 10.46 11.20 28.88
N LYS A 152 10.62 11.45 30.17
CA LYS A 152 9.81 12.46 30.85
C LYS A 152 10.18 13.86 30.37
N PRO A 153 9.20 14.79 30.34
CA PRO A 153 7.80 14.62 30.74
C PRO A 153 6.87 14.27 29.56
N PHE A 154 7.44 13.80 28.46
CA PHE A 154 6.66 13.45 27.26
C PHE A 154 5.83 12.16 27.39
N SER A 155 6.39 11.16 28.08
CA SER A 155 5.67 9.93 28.40
C SER A 155 4.42 10.18 29.25
N ASP A 156 4.45 11.22 30.09
CA ASP A 156 3.34 11.53 30.99
C ASP A 156 2.14 12.17 30.29
N ILE A 157 2.36 12.73 29.10
CA ILE A 157 1.32 13.54 28.45
C ILE A 157 0.17 12.69 27.93
N ILE A 158 0.50 11.62 27.20
CA ILE A 158 -0.48 10.81 26.50
C ILE A 158 -1.13 9.76 27.42
N GLU A 159 -0.40 9.29 28.42
CA GLU A 159 -0.88 8.18 29.28
C GLU A 159 -2.29 8.36 29.89
N PRO A 160 -2.62 9.56 30.45
CA PRO A 160 -3.95 9.72 31.05
C PRO A 160 -5.09 9.76 30.03
N LYS A 161 -4.80 10.22 28.82
CA LYS A 161 -5.77 10.22 27.72
C LYS A 161 -6.16 8.78 27.36
N PHE A 162 -5.17 7.89 27.36
CA PHE A 162 -5.43 6.46 27.22
C PHE A 162 -6.33 5.92 28.31
N GLU A 163 -5.92 6.11 29.57
CA GLU A 163 -6.76 5.68 30.70
C GLU A 163 -8.21 6.09 30.44
N PHE A 164 -8.42 7.33 30.00
CA PHE A 164 -9.76 7.85 29.79
C PHE A 164 -10.45 7.16 28.62
N ALA A 165 -9.71 7.00 27.53
CA ALA A 165 -10.24 6.41 26.30
C ALA A 165 -10.77 4.96 26.44
N VAL A 166 -10.17 4.19 27.34
CA VAL A 166 -10.60 2.81 27.55
C VAL A 166 -11.92 2.83 28.31
N LYS A 167 -11.97 3.61 29.39
CA LYS A 167 -13.18 3.75 30.19
C LYS A 167 -14.33 4.33 29.36
N PHE A 168 -14.01 5.22 28.42
CA PHE A 168 -15.00 5.83 27.57
C PHE A 168 -15.58 4.84 26.56
N ASN A 169 -14.72 4.09 25.88
CA ASN A 169 -15.16 3.12 24.87
C ASN A 169 -16.09 2.02 25.39
N ALA A 170 -16.05 1.80 26.70
CA ALA A 170 -16.95 0.87 27.38
C ALA A 170 -18.41 1.28 27.25
N LEU A 171 -18.66 2.56 26.98
CA LEU A 171 -20.02 3.06 26.78
C LEU A 171 -20.58 2.70 25.39
N GLU A 172 -19.70 2.23 24.50
CA GLU A 172 -20.08 1.72 23.17
C GLU A 172 -20.93 2.68 22.32
N LEU A 173 -20.54 3.94 22.29
CA LEU A 173 -21.23 4.96 21.50
C LEU A 173 -20.87 4.84 20.03
N ASP A 174 -21.84 5.08 19.15
CA ASP A 174 -21.54 5.16 17.71
C ASP A 174 -21.38 6.62 17.29
N ASP A 175 -21.01 6.84 16.03
CA ASP A 175 -20.73 8.17 15.48
C ASP A 175 -21.83 9.21 15.71
N SER A 176 -23.08 8.77 15.62
CA SER A 176 -24.23 9.67 15.81
C SER A 176 -24.43 10.08 17.27
N ASP A 177 -24.02 9.24 18.21
CA ASP A 177 -23.97 9.62 19.62
C ASP A 177 -22.87 10.66 19.83
N LEU A 178 -21.67 10.34 19.33
CA LEU A 178 -20.50 11.21 19.47
C LEU A 178 -20.73 12.59 18.84
N ALA A 179 -21.36 12.62 17.68
CA ALA A 179 -21.69 13.88 17.00
C ALA A 179 -22.34 14.85 17.99
N LEU A 180 -23.41 14.40 18.63
CA LEU A 180 -24.17 15.23 19.57
C LEU A 180 -23.38 15.51 20.86
N PHE A 181 -22.62 14.52 21.33
CA PHE A 181 -21.76 14.69 22.49
C PHE A 181 -20.73 15.80 22.27
N ILE A 182 -20.03 15.74 21.13
CA ILE A 182 -19.07 16.76 20.75
C ILE A 182 -19.73 18.14 20.67
N ALA A 183 -20.91 18.20 20.07
CA ALA A 183 -21.59 19.47 19.88
C ALA A 183 -21.92 20.10 21.23
N ALA A 184 -22.28 19.23 22.19
CA ALA A 184 -22.57 19.62 23.56
C ALA A 184 -21.32 20.16 24.29
N ILE A 185 -20.19 19.46 24.12
CA ILE A 185 -18.90 19.92 24.64
C ILE A 185 -18.56 21.34 24.18
N ILE A 186 -18.78 21.62 22.90
CA ILE A 186 -18.40 22.89 22.30
C ILE A 186 -19.37 24.01 22.66
N LEU A 187 -20.66 23.74 22.49
CA LEU A 187 -21.70 24.72 22.82
C LEU A 187 -22.07 24.73 24.29
N CYS A 188 -21.06 24.91 25.14
CA CYS A 188 -21.21 24.85 26.58
C CYS A 188 -21.14 26.26 27.16
N GLY A 189 -22.16 26.66 27.91
CA GLY A 189 -22.30 28.06 28.31
C GLY A 189 -21.54 28.51 29.55
N ASP A 190 -20.65 27.67 30.05
CA ASP A 190 -19.92 27.97 31.28
C ASP A 190 -18.51 28.52 31.01
N ARG A 191 -18.20 28.79 29.75
CA ARG A 191 -16.87 29.26 29.36
C ARG A 191 -16.62 30.71 29.80
N PRO A 192 -15.41 31.00 30.33
CA PRO A 192 -15.13 32.35 30.79
C PRO A 192 -14.99 33.32 29.62
N GLY A 193 -15.50 34.54 29.79
CA GLY A 193 -15.43 35.57 28.76
C GLY A 193 -16.53 35.45 27.71
N LEU A 194 -17.44 34.50 27.91
CA LEU A 194 -18.59 34.36 27.02
C LEU A 194 -19.43 35.61 27.07
N MET A 195 -19.77 36.11 25.89
CA MET A 195 -20.44 37.40 25.75
C MET A 195 -21.95 37.24 25.91
N ASN A 196 -22.54 36.34 25.13
CA ASN A 196 -23.98 36.08 25.18
C ASN A 196 -24.30 34.70 25.77
N VAL A 197 -24.25 34.63 27.11
CA VAL A 197 -24.41 33.38 27.84
C VAL A 197 -25.79 32.76 27.68
N PRO A 198 -26.88 33.51 27.95
CA PRO A 198 -28.20 32.89 27.85
C PRO A 198 -28.45 32.19 26.52
N ARG A 199 -28.06 32.83 25.40
CA ARG A 199 -28.18 32.22 24.09
C ARG A 199 -27.40 30.90 24.00
N VAL A 200 -26.13 30.90 24.41
CA VAL A 200 -25.34 29.68 24.38
C VAL A 200 -26.00 28.58 25.22
N GLU A 201 -26.44 28.92 26.42
CA GLU A 201 -27.17 27.98 27.28
C GLU A 201 -28.40 27.39 26.59
N ALA A 202 -29.18 28.24 25.93
CA ALA A 202 -30.36 27.81 25.18
C ALA A 202 -30.00 26.75 24.13
N ILE A 203 -28.96 27.03 23.34
CA ILE A 203 -28.54 26.10 22.30
C ILE A 203 -28.06 24.79 22.88
N GLN A 204 -27.33 24.86 23.99
CA GLN A 204 -26.84 23.67 24.67
C GLN A 204 -27.97 22.77 25.12
N ASP A 205 -28.95 23.37 25.80
CA ASP A 205 -30.09 22.62 26.31
C ASP A 205 -30.82 21.85 25.21
N THR A 206 -30.91 22.46 24.03
CA THR A 206 -31.46 21.79 22.86
C THR A 206 -30.60 20.58 22.49
N ILE A 207 -29.28 20.78 22.40
CA ILE A 207 -28.36 19.68 22.08
C ILE A 207 -28.49 18.54 23.07
N LEU A 208 -28.47 18.86 24.36
CA LEU A 208 -28.60 17.87 25.41
C LEU A 208 -29.91 17.10 25.38
N ARG A 209 -31.03 17.81 25.18
CA ARG A 209 -32.33 17.15 25.01
C ARG A 209 -32.31 16.21 23.80
N ALA A 210 -31.71 16.69 22.71
CA ALA A 210 -31.57 15.90 21.49
C ALA A 210 -30.74 14.66 21.76
N LEU A 211 -29.59 14.87 22.38
CA LEU A 211 -28.70 13.77 22.73
C LEU A 211 -29.47 12.71 23.51
N GLU A 212 -30.22 13.16 24.52
CA GLU A 212 -30.95 12.28 25.41
C GLU A 212 -32.03 11.49 24.70
N PHE A 213 -32.81 12.15 23.85
CA PHE A 213 -33.82 11.46 23.06
C PHE A 213 -33.13 10.44 22.16
N HIS A 214 -32.04 10.86 21.55
CA HIS A 214 -31.26 10.04 20.63
C HIS A 214 -30.68 8.79 21.30
N LEU A 215 -30.31 8.92 22.57
CA LEU A 215 -29.77 7.78 23.32
C LEU A 215 -30.82 6.72 23.62
N GLN A 216 -32.07 7.14 23.81
CA GLN A 216 -33.17 6.22 24.04
C GLN A 216 -33.43 5.34 22.82
N ALA A 217 -33.58 5.98 21.66
CA ALA A 217 -33.84 5.29 20.40
C ALA A 217 -32.66 4.40 19.98
N ASN A 218 -31.46 4.98 19.98
CA ASN A 218 -30.26 4.30 19.53
C ASN A 218 -29.74 3.21 20.47
N HIS A 219 -30.00 3.37 21.77
CA HIS A 219 -29.57 2.40 22.79
C HIS A 219 -30.72 2.07 23.75
N PRO A 220 -31.73 1.33 23.27
CA PRO A 220 -32.94 1.12 24.05
C PRO A 220 -32.70 0.49 25.44
N ASP A 221 -31.74 -0.42 25.54
CA ASP A 221 -31.53 -1.20 26.76
C ASP A 221 -30.50 -0.61 27.72
N ALA A 222 -29.65 0.29 27.22
CA ALA A 222 -28.59 0.89 28.03
C ALA A 222 -29.16 1.86 29.06
N GLN A 223 -29.14 1.46 30.33
CA GLN A 223 -29.57 2.33 31.42
C GLN A 223 -28.49 3.34 31.81
N TYR A 224 -28.96 4.46 32.36
CA TYR A 224 -28.11 5.53 32.89
C TYR A 224 -27.08 6.09 31.91
N LEU A 225 -27.25 5.84 30.61
CA LEU A 225 -26.28 6.27 29.62
C LEU A 225 -26.13 7.80 29.53
N PHE A 226 -27.26 8.52 29.63
CA PHE A 226 -27.23 9.97 29.59
C PHE A 226 -26.50 10.60 30.79
N PRO A 227 -26.91 10.27 32.03
CA PRO A 227 -26.17 10.86 33.16
C PRO A 227 -24.69 10.45 33.24
N LYS A 228 -24.38 9.23 32.82
CA LYS A 228 -22.98 8.77 32.80
C LYS A 228 -22.19 9.63 31.81
N LEU A 229 -22.82 9.96 30.68
CA LEU A 229 -22.22 10.84 29.69
C LEU A 229 -21.95 12.25 30.20
N LEU A 230 -22.87 12.78 31.00
CA LEU A 230 -22.68 14.09 31.61
C LEU A 230 -21.47 14.07 32.53
N GLN A 231 -21.35 13.01 33.32
CA GLN A 231 -20.18 12.83 34.17
C GLN A 231 -18.89 12.77 33.33
N LYS A 232 -18.96 12.16 32.16
CA LYS A 232 -17.78 12.12 31.28
C LYS A 232 -17.31 13.53 30.90
N MET A 233 -18.25 14.47 30.78
CA MET A 233 -17.91 15.88 30.47
C MET A 233 -17.18 16.56 31.61
N ALA A 234 -17.58 16.24 32.84
CA ALA A 234 -16.86 16.73 34.02
C ALA A 234 -15.43 16.18 34.06
N ASP A 235 -15.30 14.90 33.68
CA ASP A 235 -14.00 14.21 33.61
C ASP A 235 -13.07 14.84 32.60
N LEU A 236 -13.63 15.24 31.45
CA LEU A 236 -12.87 15.87 30.40
C LEU A 236 -12.32 17.22 30.83
N ARG A 237 -13.07 17.93 31.67
CA ARG A 237 -12.62 19.20 32.23
C ARG A 237 -11.35 19.00 33.07
N GLN A 238 -11.38 17.96 33.90
CA GLN A 238 -10.27 17.62 34.77
C GLN A 238 -9.08 17.19 33.91
N LEU A 239 -9.38 16.50 32.82
CA LEU A 239 -8.36 16.00 31.92
C LEU A 239 -7.63 17.17 31.27
N VAL A 240 -8.39 18.11 30.75
CA VAL A 240 -7.84 19.28 30.06
C VAL A 240 -7.04 20.18 31.00
N THR A 241 -7.56 20.36 32.21
CA THR A 241 -6.86 21.11 33.26
C THR A 241 -5.49 20.51 33.53
N GLU A 242 -5.47 19.18 33.69
CA GLU A 242 -4.24 18.44 33.95
C GLU A 242 -3.30 18.48 32.75
N HIS A 243 -3.86 18.54 31.54
CA HIS A 243 -3.07 18.71 30.32
C HIS A 243 -2.37 20.07 30.31
N ALA A 244 -3.16 21.12 30.53
CA ALA A 244 -2.65 22.48 30.58
C ALA A 244 -1.50 22.61 31.58
N GLN A 245 -1.66 21.97 32.74
CA GLN A 245 -0.64 21.97 33.79
C GLN A 245 0.68 21.36 33.33
N MET A 246 0.60 20.31 32.52
CA MET A 246 1.79 19.64 32.02
C MET A 246 2.47 20.43 30.91
N MET A 247 1.69 21.13 30.11
CA MET A 247 2.26 21.94 29.04
C MET A 247 3.00 23.13 29.61
N GLN A 248 2.56 23.61 30.77
CA GLN A 248 3.32 24.62 31.53
C GLN A 248 4.71 24.12 31.91
N ARG A 249 4.78 22.86 32.33
CA ARG A 249 6.04 22.25 32.73
C ARG A 249 7.00 22.09 31.56
N ILE A 250 6.48 21.79 30.38
CA ILE A 250 7.32 21.67 29.18
C ILE A 250 7.83 23.04 28.73
N LYS A 251 6.97 24.05 28.80
CA LYS A 251 7.33 25.41 28.42
C LYS A 251 8.40 25.98 29.35
N LYS A 252 8.40 25.52 30.60
CA LYS A 252 9.35 25.99 31.62
C LYS A 252 10.67 25.18 31.67
N THR A 253 10.58 23.86 31.66
CA THR A 253 11.76 22.99 31.81
C THR A 253 12.39 22.54 30.49
N GLU A 254 11.59 22.47 29.43
CA GLU A 254 12.07 22.09 28.10
C GLU A 254 12.07 23.31 27.19
N THR A 255 12.88 24.31 27.53
CA THR A 255 12.85 25.57 26.79
C THR A 255 13.28 25.43 25.33
N GLU A 256 14.03 24.38 25.03
CA GLU A 256 14.49 24.15 23.66
C GLU A 256 13.37 23.64 22.75
N THR A 257 12.34 23.03 23.33
CA THR A 257 11.16 22.55 22.60
C THR A 257 10.24 23.73 22.23
N SER A 258 9.59 23.64 21.08
CA SER A 258 8.70 24.72 20.63
C SER A 258 7.26 24.27 20.51
N LEU A 259 6.35 25.16 20.92
CA LEU A 259 4.93 24.88 20.94
C LEU A 259 4.22 25.71 19.87
N HIS A 260 3.41 25.06 19.05
CA HIS A 260 2.64 25.71 18.00
C HIS A 260 1.84 26.90 18.55
N PRO A 261 1.96 28.09 17.91
CA PRO A 261 1.36 29.32 18.43
C PRO A 261 -0.12 29.20 18.79
N LEU A 262 -0.86 28.41 18.02
CA LEU A 262 -2.29 28.23 18.26
C LEU A 262 -2.55 27.49 19.58
N LEU A 263 -1.63 26.59 19.94
CA LEU A 263 -1.76 25.86 21.20
C LEU A 263 -1.32 26.73 22.38
N GLN A 264 -0.26 27.52 22.17
CA GLN A 264 0.15 28.55 23.11
C GLN A 264 -1.03 29.48 23.45
N GLU A 265 -1.79 29.85 22.41
CA GLU A 265 -2.94 30.72 22.56
C GLU A 265 -4.01 30.09 23.45
N ILE A 266 -4.29 28.81 23.20
CA ILE A 266 -5.30 28.07 23.95
C ILE A 266 -4.86 27.85 25.41
N TYR A 267 -3.60 27.46 25.60
CA TYR A 267 -3.09 27.12 26.93
C TYR A 267 -2.87 28.32 27.85
N LYS A 268 -2.81 29.50 27.23
CA LYS A 268 -2.62 30.79 27.92
C LYS A 268 -3.47 30.99 29.20
N ASP A 269 -4.61 30.32 29.28
CA ASP A 269 -5.48 30.39 30.45
C ASP A 269 -5.73 29.01 31.07
N ASP B 4 -3.26 -6.37 3.14
CA ASP B 4 -2.82 -7.75 2.80
C ASP B 4 -2.14 -7.75 1.42
N LEU B 5 -2.39 -6.70 0.64
CA LEU B 5 -1.86 -6.61 -0.72
C LEU B 5 -0.47 -5.99 -0.80
N LYS B 6 -0.16 -5.09 0.14
CA LYS B 6 1.21 -4.57 0.29
C LYS B 6 2.15 -5.72 0.63
N ALA B 7 1.73 -6.53 1.60
CA ALA B 7 2.48 -7.71 2.05
C ALA B 7 2.74 -8.69 0.91
N PHE B 8 1.65 -9.16 0.31
CA PHE B 8 1.67 -10.12 -0.80
C PHE B 8 2.68 -9.72 -1.90
N SER B 9 2.61 -8.47 -2.35
CA SER B 9 3.49 -7.94 -3.39
C SER B 9 4.98 -8.06 -3.02
N LYS B 10 5.31 -7.71 -1.78
CA LYS B 10 6.68 -7.75 -1.31
C LYS B 10 7.19 -9.20 -1.28
N HIS B 11 6.32 -10.13 -0.86
CA HIS B 11 6.63 -11.55 -0.79
C HIS B 11 6.99 -12.11 -2.17
N ILE B 12 6.23 -11.71 -3.18
CA ILE B 12 6.48 -12.11 -4.56
C ILE B 12 7.76 -11.48 -5.12
N TYR B 13 8.02 -10.24 -4.75
CA TYR B 13 9.22 -9.54 -5.20
C TYR B 13 10.48 -10.24 -4.67
N ASN B 14 10.37 -10.82 -3.48
CA ASN B 14 11.47 -11.61 -2.90
C ASN B 14 11.69 -12.94 -3.62
N ALA B 15 10.59 -13.65 -3.90
CA ALA B 15 10.66 -14.88 -4.70
C ALA B 15 11.32 -14.60 -6.05
N TYR B 16 10.97 -13.46 -6.64
CA TYR B 16 11.56 -13.00 -7.90
C TYR B 16 13.07 -12.77 -7.79
N LEU B 17 13.48 -11.92 -6.85
CA LEU B 17 14.91 -11.60 -6.64
C LEU B 17 15.76 -12.80 -6.19
N LYS B 18 15.15 -13.74 -5.47
CA LYS B 18 15.85 -14.93 -5.00
C LYS B 18 16.09 -15.92 -6.14
N ASN B 19 15.22 -15.92 -7.15
CA ASN B 19 15.18 -16.99 -8.15
C ASN B 19 15.71 -16.68 -9.54
N PHE B 20 15.66 -15.42 -9.97
CA PHE B 20 16.17 -15.05 -11.30
C PHE B 20 17.59 -14.47 -11.27
N ASN B 21 18.48 -15.09 -12.06
CA ASN B 21 19.86 -14.63 -12.16
CA ASN B 21 19.87 -14.63 -12.18
C ASN B 21 19.97 -13.22 -12.75
N MET B 22 19.11 -12.91 -13.73
CA MET B 22 19.17 -11.61 -14.41
C MET B 22 17.91 -10.77 -14.22
N THR B 23 18.04 -9.75 -13.37
CA THR B 23 16.99 -8.78 -13.13
C THR B 23 17.06 -7.68 -14.20
N LYS B 24 16.02 -6.85 -14.26
CA LYS B 24 16.04 -5.70 -15.18
C LYS B 24 17.02 -4.61 -14.72
N LYS B 25 17.12 -4.42 -13.40
CA LYS B 25 18.07 -3.46 -12.83
C LYS B 25 19.51 -3.85 -13.18
N LYS B 26 19.84 -5.13 -12.98
CA LYS B 26 21.18 -5.63 -13.28
C LYS B 26 21.49 -5.54 -14.78
N ALA B 27 20.51 -5.89 -15.60
CA ALA B 27 20.63 -5.83 -17.05
C ALA B 27 20.83 -4.41 -17.58
N ARG B 28 19.97 -3.49 -17.12
CA ARG B 28 20.03 -2.09 -17.57
C ARG B 28 21.37 -1.44 -17.29
N SER B 29 21.95 -1.76 -16.13
CA SER B 29 23.25 -1.21 -15.75
C SER B 29 24.38 -1.77 -16.62
N ILE B 30 24.24 -3.01 -17.08
CA ILE B 30 25.19 -3.60 -18.03
C ILE B 30 25.01 -2.99 -19.42
N LEU B 31 23.76 -2.92 -19.88
CA LEU B 31 23.43 -2.31 -21.17
C LEU B 31 23.73 -0.80 -21.21
N THR B 32 24.08 -0.24 -20.05
CA THR B 32 24.51 1.16 -19.98
C THR B 32 25.73 1.29 -19.07
N ALA B 39 32.41 -4.46 -19.69
CA ALA B 39 31.65 -4.50 -20.93
C ALA B 39 31.38 -5.93 -21.38
N PRO B 40 30.16 -6.21 -21.85
CA PRO B 40 29.89 -7.50 -22.49
C PRO B 40 30.67 -7.65 -23.79
N PHE B 41 30.90 -8.89 -24.22
CA PHE B 41 31.54 -9.18 -25.51
C PHE B 41 30.50 -9.27 -26.63
N VAL B 42 30.68 -8.43 -27.65
CA VAL B 42 29.69 -8.32 -28.74
C VAL B 42 29.82 -9.44 -29.78
N ILE B 43 28.80 -10.27 -29.88
CA ILE B 43 28.74 -11.32 -30.90
C ILE B 43 27.91 -10.80 -32.05
N HIS B 44 28.55 -10.55 -33.19
CA HIS B 44 27.86 -9.99 -34.35
C HIS B 44 28.09 -10.78 -35.65
N ASP B 45 28.94 -11.80 -35.58
CA ASP B 45 29.27 -12.65 -36.73
C ASP B 45 29.93 -13.98 -36.30
N ILE B 46 30.17 -14.85 -37.28
CA ILE B 46 30.77 -16.17 -37.06
C ILE B 46 32.11 -16.12 -36.31
N GLU B 47 33.02 -15.23 -36.72
CA GLU B 47 34.30 -15.11 -36.03
C GLU B 47 34.12 -14.78 -34.54
N THR B 48 33.26 -13.80 -34.23
CA THR B 48 33.05 -13.41 -32.84
C THR B 48 32.23 -14.43 -32.05
N LEU B 49 31.35 -15.15 -32.74
CA LEU B 49 30.68 -16.31 -32.13
C LEU B 49 31.71 -17.38 -31.77
N TRP B 50 32.61 -17.70 -32.70
CA TRP B 50 33.66 -18.68 -32.45
C TRP B 50 34.51 -18.24 -31.27
N GLN B 51 34.84 -16.95 -31.22
CA GLN B 51 35.62 -16.39 -30.13
C GLN B 51 34.87 -16.45 -28.81
N ALA B 52 33.56 -16.21 -28.84
CA ALA B 52 32.72 -16.28 -27.66
C ALA B 52 32.70 -17.70 -27.08
N GLU B 53 32.63 -18.69 -27.96
CA GLU B 53 32.65 -20.10 -27.54
C GLU B 53 34.00 -20.47 -26.92
N LYS B 54 35.09 -20.09 -27.59
CA LYS B 54 36.44 -20.50 -27.19
C LYS B 54 36.92 -20.05 -25.80
N GLY B 55 36.06 -19.34 -25.07
CA GLY B 55 36.42 -18.88 -23.74
C GLY B 55 35.84 -17.53 -23.39
N LEU B 56 35.88 -16.60 -24.34
CA LEU B 56 35.50 -15.20 -24.09
C LEU B 56 34.04 -14.93 -23.64
N VAL B 57 33.19 -15.96 -23.66
CA VAL B 57 31.81 -15.86 -23.17
C VAL B 57 31.37 -17.15 -22.46
N TRP B 58 31.71 -18.31 -23.04
CA TRP B 58 31.36 -19.61 -22.47
C TRP B 58 32.58 -20.48 -22.17
N GLY B 64 26.94 -29.62 -21.59
CA GLY B 64 27.22 -30.11 -22.95
C GLY B 64 26.15 -29.70 -23.94
N LEU B 65 26.52 -29.66 -25.21
CA LEU B 65 25.57 -29.36 -26.30
C LEU B 65 25.44 -30.54 -27.28
N PRO B 66 24.31 -30.59 -28.05
CA PRO B 66 24.19 -31.59 -29.13
C PRO B 66 25.23 -31.33 -30.22
N PRO B 67 25.71 -32.41 -30.89
CA PRO B 67 26.85 -32.34 -31.82
C PRO B 67 26.70 -31.20 -32.84
N TYR B 68 27.83 -30.55 -33.17
CA TYR B 68 27.80 -29.42 -34.10
C TYR B 68 27.16 -29.81 -35.43
N LYS B 69 26.27 -28.95 -35.94
CA LYS B 69 25.69 -29.14 -37.26
C LYS B 69 26.05 -27.97 -38.17
N GLU B 70 25.62 -26.77 -37.77
CA GLU B 70 25.87 -25.53 -38.52
C GLU B 70 25.58 -24.33 -37.63
N ILE B 71 25.84 -23.12 -38.13
CA ILE B 71 25.76 -21.94 -37.28
C ILE B 71 24.34 -21.56 -36.87
N SER B 72 23.40 -21.58 -37.82
CA SER B 72 22.00 -21.25 -37.54
C SER B 72 21.38 -22.24 -36.55
N VAL B 73 21.82 -23.49 -36.61
CA VAL B 73 21.33 -24.53 -35.72
C VAL B 73 22.00 -24.43 -34.33
N HIS B 74 23.27 -24.05 -34.33
CA HIS B 74 24.02 -23.84 -33.09
C HIS B 74 23.34 -22.78 -32.23
N VAL B 75 23.07 -21.62 -32.82
CA VAL B 75 22.33 -20.55 -32.16
C VAL B 75 20.99 -21.06 -31.64
N PHE B 76 20.36 -21.92 -32.44
CA PHE B 76 19.06 -22.52 -32.12
C PHE B 76 19.16 -23.41 -30.89
N TYR B 77 20.28 -24.13 -30.78
CA TYR B 77 20.54 -24.94 -29.60
C TYR B 77 20.81 -24.10 -28.36
N ARG B 78 21.49 -22.95 -28.54
CA ARG B 78 21.78 -22.06 -27.40
C ARG B 78 20.52 -21.36 -26.87
N CYS B 79 19.58 -21.07 -27.78
CA CYS B 79 18.27 -20.56 -27.40
C CYS B 79 17.49 -21.57 -26.57
N GLN B 80 17.57 -22.84 -26.97
CA GLN B 80 16.90 -23.95 -26.26
C GLN B 80 17.45 -24.10 -24.85
N CYS B 81 18.77 -24.06 -24.74
N CYS B 81 18.77 -24.06 -24.72
CA CYS B 81 19.47 -24.19 -23.47
CA CYS B 81 19.42 -24.20 -23.43
C CYS B 81 19.08 -23.06 -22.51
C CYS B 81 19.07 -23.05 -22.49
N THR B 82 19.08 -21.83 -23.02
CA THR B 82 18.64 -20.67 -22.25
C THR B 82 17.17 -20.81 -21.82
N THR B 83 16.32 -21.23 -22.75
CA THR B 83 14.90 -21.48 -22.48
C THR B 83 14.69 -22.47 -21.34
N VAL B 84 15.43 -23.58 -21.36
CA VAL B 84 15.35 -24.61 -20.31
C VAL B 84 15.79 -24.05 -18.95
N GLU B 85 16.92 -23.37 -18.93
CA GLU B 85 17.43 -22.78 -17.69
C GLU B 85 16.41 -21.81 -17.08
N THR B 86 15.68 -21.09 -17.93
CA THR B 86 14.67 -20.15 -17.45
C THR B 86 13.42 -20.85 -16.94
N VAL B 87 13.03 -21.95 -17.59
CA VAL B 87 11.94 -22.79 -17.09
C VAL B 87 12.23 -23.27 -15.66
N ARG B 88 13.48 -23.61 -15.37
CA ARG B 88 13.89 -23.96 -14.00
C ARG B 88 13.74 -22.82 -13.03
N GLU B 89 14.25 -21.65 -13.43
CA GLU B 89 14.13 -20.45 -12.61
C GLU B 89 12.65 -20.11 -12.35
N LEU B 90 11.83 -20.19 -13.39
CA LEU B 90 10.41 -19.96 -13.27
C LEU B 90 9.70 -20.99 -12.41
N THR B 91 10.18 -22.23 -12.45
CA THR B 91 9.58 -23.28 -11.64
C THR B 91 9.83 -22.99 -10.16
N GLU B 92 11.06 -22.59 -9.84
CA GLU B 92 11.45 -22.27 -8.47
C GLU B 92 10.76 -21.00 -7.99
N PHE B 93 10.60 -20.03 -8.89
CA PHE B 93 9.87 -18.81 -8.61
C PHE B 93 8.43 -19.09 -8.21
N ALA B 94 7.74 -19.90 -8.99
CA ALA B 94 6.33 -20.17 -8.73
C ALA B 94 6.15 -20.94 -7.44
N LYS B 95 6.96 -21.99 -7.25
CA LYS B 95 6.96 -22.77 -6.01
C LYS B 95 7.17 -21.88 -4.78
N SER B 96 7.86 -20.75 -4.97
CA SER B 96 8.08 -19.78 -3.89
C SER B 96 6.85 -18.92 -3.58
N ILE B 97 5.76 -19.15 -4.30
CA ILE B 97 4.48 -18.54 -3.94
C ILE B 97 3.64 -19.57 -3.16
N PRO B 98 3.48 -19.36 -1.84
CA PRO B 98 2.76 -20.33 -1.00
C PRO B 98 1.45 -20.84 -1.61
N SER B 99 0.63 -19.93 -2.14
CA SER B 99 -0.67 -20.29 -2.71
C SER B 99 -0.50 -21.20 -3.94
N PHE B 100 0.56 -20.97 -4.70
CA PHE B 100 0.89 -21.84 -5.82
C PHE B 100 1.22 -23.25 -5.33
N SER B 101 2.11 -23.33 -4.34
CA SER B 101 2.59 -24.62 -3.78
C SER B 101 1.50 -25.44 -3.13
N SER B 102 0.40 -24.79 -2.77
CA SER B 102 -0.72 -25.48 -2.12
C SER B 102 -1.70 -26.06 -3.12
N LEU B 103 -1.44 -25.87 -4.41
CA LEU B 103 -2.22 -26.53 -5.47
C LEU B 103 -1.73 -27.98 -5.63
N PHE B 104 -2.54 -28.83 -6.24
CA PHE B 104 -2.12 -30.18 -6.53
C PHE B 104 -1.02 -30.22 -7.58
N LEU B 105 -0.03 -31.10 -7.40
CA LEU B 105 1.18 -31.07 -8.22
C LEU B 105 0.91 -31.11 -9.72
N ASN B 106 -0.14 -31.82 -10.11
CA ASN B 106 -0.57 -31.89 -11.51
C ASN B 106 -1.11 -30.56 -12.06
N ASP B 107 -1.75 -29.78 -11.20
CA ASP B 107 -2.18 -28.41 -11.55
C ASP B 107 -1.00 -27.46 -11.66
N GLN B 108 -0.02 -27.60 -10.75
CA GLN B 108 1.19 -26.80 -10.82
C GLN B 108 1.86 -26.96 -12.18
N VAL B 109 1.98 -28.20 -12.62
CA VAL B 109 2.59 -28.52 -13.92
C VAL B 109 1.80 -27.96 -15.10
N THR B 110 0.47 -28.02 -15.04
CA THR B 110 -0.39 -27.42 -16.07
C THR B 110 -0.14 -25.91 -16.20
N LEU B 111 -0.10 -25.21 -15.07
CA LEU B 111 0.12 -23.78 -15.09
C LEU B 111 1.47 -23.43 -15.70
N LEU B 112 2.50 -24.13 -15.26
CA LEU B 112 3.85 -23.94 -15.78
C LEU B 112 3.93 -24.26 -17.27
N LYS B 113 3.39 -25.42 -17.67
CA LYS B 113 3.37 -25.86 -19.06
C LYS B 113 2.91 -24.75 -20.03
N TYR B 114 1.75 -24.17 -19.76
CA TYR B 114 1.16 -23.16 -20.64
C TYR B 114 1.61 -21.74 -20.31
N GLY B 115 2.26 -21.54 -19.18
CA GLY B 115 2.66 -20.21 -18.73
C GLY B 115 4.08 -19.82 -19.10
N VAL B 116 5.00 -20.77 -18.96
CA VAL B 116 6.43 -20.46 -19.10
C VAL B 116 6.84 -19.62 -20.31
N HIS B 117 6.36 -19.96 -21.51
CA HIS B 117 6.81 -19.24 -22.69
C HIS B 117 6.35 -17.79 -22.69
N GLU B 118 5.09 -17.58 -22.33
CA GLU B 118 4.57 -16.24 -22.10
C GLU B 118 5.44 -15.47 -21.11
N ALA B 119 5.77 -16.12 -19.98
CA ALA B 119 6.67 -15.53 -19.00
C ALA B 119 8.05 -15.23 -19.59
N ILE B 120 8.59 -16.18 -20.35
CA ILE B 120 9.92 -16.00 -20.92
C ILE B 120 9.97 -14.82 -21.86
N PHE B 121 8.96 -14.69 -22.71
CA PHE B 121 8.93 -13.60 -23.65
C PHE B 121 8.74 -12.27 -22.92
N ALA B 122 8.05 -12.29 -21.78
CA ALA B 122 7.86 -11.09 -20.98
C ALA B 122 9.17 -10.62 -20.36
N MET B 123 9.97 -11.57 -19.89
CA MET B 123 11.22 -11.27 -19.20
C MET B 123 12.34 -10.92 -20.18
N LEU B 124 12.20 -11.36 -21.41
CA LEU B 124 13.17 -11.11 -22.45
C LEU B 124 13.42 -9.61 -22.63
N ALA B 125 12.35 -8.83 -22.49
CA ALA B 125 12.40 -7.40 -22.70
C ALA B 125 13.40 -6.72 -21.76
N SER B 126 13.69 -7.37 -20.64
CA SER B 126 14.64 -6.84 -19.65
C SER B 126 16.09 -6.88 -20.11
N ILE B 127 16.42 -7.87 -20.95
CA ILE B 127 17.79 -8.08 -21.41
C ILE B 127 17.99 -7.58 -22.85
N VAL B 128 17.02 -6.83 -23.34
CA VAL B 128 17.00 -6.46 -24.75
C VAL B 128 17.01 -4.95 -24.91
N ASN B 129 17.73 -4.48 -25.93
CA ASN B 129 17.49 -3.15 -26.50
C ASN B 129 17.25 -3.22 -28.01
N LYS B 130 17.15 -2.06 -28.66
CA LYS B 130 16.89 -1.99 -30.10
C LYS B 130 17.90 -2.81 -30.92
N ASP B 131 19.11 -2.95 -30.39
CA ASP B 131 20.24 -3.48 -31.15
C ASP B 131 20.55 -4.95 -30.97
N GLY B 132 20.18 -5.52 -29.83
CA GLY B 132 20.45 -6.93 -29.54
C GLY B 132 20.05 -7.34 -28.14
N LEU B 133 20.60 -8.44 -27.67
CA LEU B 133 20.26 -8.97 -26.35
C LEU B 133 21.46 -9.52 -25.57
N LEU B 134 21.39 -9.38 -24.26
CA LEU B 134 22.41 -9.93 -23.36
C LEU B 134 22.29 -11.45 -23.22
N VAL B 135 23.39 -12.15 -23.47
CA VAL B 135 23.43 -13.59 -23.31
C VAL B 135 24.46 -14.02 -22.28
N ALA B 136 24.38 -15.30 -21.87
CA ALA B 136 25.35 -15.90 -20.96
C ALA B 136 25.57 -15.06 -19.71
N ASN B 137 24.47 -14.74 -19.04
CA ASN B 137 24.49 -14.03 -17.76
C ASN B 137 25.24 -12.69 -17.80
N GLY B 138 25.08 -11.95 -18.90
CA GLY B 138 25.63 -10.61 -19.02
C GLY B 138 27.02 -10.55 -19.62
N SER B 139 27.65 -11.71 -19.78
CA SER B 139 29.02 -11.77 -20.33
C SER B 139 29.03 -11.32 -21.79
N GLY B 140 28.00 -11.68 -22.55
CA GLY B 140 27.94 -11.39 -23.98
C GLY B 140 26.71 -10.63 -24.45
N PHE B 141 26.83 -10.05 -25.63
CA PHE B 141 25.76 -9.31 -26.27
C PHE B 141 25.66 -9.75 -27.73
N VAL B 142 24.58 -10.46 -28.06
CA VAL B 142 24.33 -10.89 -29.43
C VAL B 142 23.53 -9.80 -30.12
N THR B 143 23.98 -9.37 -31.30
CA THR B 143 23.28 -8.32 -32.05
C THR B 143 22.09 -8.86 -32.81
N ARG B 144 21.01 -8.08 -32.78
CA ARG B 144 19.78 -8.37 -33.52
C ARG B 144 20.06 -8.59 -35.01
N GLU B 145 21.00 -7.81 -35.55
CA GLU B 145 21.38 -7.89 -36.96
C GLU B 145 21.90 -9.29 -37.32
N PHE B 146 22.75 -9.82 -36.45
CA PHE B 146 23.33 -11.16 -36.59
C PHE B 146 22.27 -12.28 -36.52
N LEU B 147 21.22 -12.07 -35.72
CA LEU B 147 20.12 -13.02 -35.60
C LEU B 147 19.18 -13.05 -36.80
N ARG B 148 19.06 -11.91 -37.50
CA ARG B 148 18.34 -11.84 -38.77
C ARG B 148 19.12 -12.52 -39.89
N SER B 149 20.44 -12.53 -39.75
CA SER B 149 21.34 -13.03 -40.78
C SER B 149 21.39 -14.56 -40.83
N LEU B 150 20.89 -15.21 -39.79
CA LEU B 150 20.78 -16.67 -39.75
C LEU B 150 19.80 -17.16 -40.81
N ARG B 151 20.01 -18.36 -41.31
CA ARG B 151 19.14 -18.86 -42.40
C ARG B 151 17.73 -19.21 -41.91
N LYS B 152 16.79 -19.25 -42.85
CA LYS B 152 15.42 -19.64 -42.53
C LYS B 152 15.36 -21.14 -42.18
N PRO B 153 14.45 -21.52 -41.26
CA PRO B 153 13.48 -20.69 -40.57
C PRO B 153 13.95 -20.18 -39.19
N PHE B 154 15.27 -20.20 -38.97
CA PHE B 154 15.83 -19.82 -37.68
C PHE B 154 15.82 -18.32 -37.44
N SER B 155 16.08 -17.54 -38.50
CA SER B 155 16.00 -16.09 -38.43
C SER B 155 14.61 -15.58 -38.08
N ASP B 156 13.58 -16.37 -38.41
CA ASP B 156 12.18 -15.97 -38.17
C ASP B 156 11.76 -16.15 -36.70
N ILE B 157 12.48 -16.99 -35.96
CA ILE B 157 12.06 -17.38 -34.62
C ILE B 157 12.16 -16.24 -33.60
N ILE B 158 13.31 -15.57 -33.59
CA ILE B 158 13.61 -14.55 -32.58
C ILE B 158 13.04 -13.17 -32.93
N GLU B 159 12.93 -12.87 -34.23
CA GLU B 159 12.53 -11.53 -34.68
C GLU B 159 11.23 -10.94 -34.03
N PRO B 160 10.14 -11.72 -33.96
CA PRO B 160 8.91 -11.18 -33.36
C PRO B 160 9.01 -10.91 -31.86
N LYS B 161 9.83 -11.70 -31.16
CA LYS B 161 10.08 -11.50 -29.74
C LYS B 161 10.75 -10.16 -29.51
N PHE B 162 11.67 -9.80 -30.40
CA PHE B 162 12.26 -8.46 -30.39
C PHE B 162 11.20 -7.38 -30.58
N GLU B 163 10.44 -7.47 -31.69
CA GLU B 163 9.35 -6.53 -31.95
C GLU B 163 8.53 -6.28 -30.68
N PHE B 164 8.21 -7.37 -29.97
CA PHE B 164 7.43 -7.29 -28.74
C PHE B 164 8.19 -6.61 -27.59
N ALA B 165 9.46 -6.98 -27.43
CA ALA B 165 10.31 -6.49 -26.35
C ALA B 165 10.54 -4.97 -26.40
N VAL B 166 10.54 -4.39 -27.60
CA VAL B 166 10.74 -2.94 -27.71
C VAL B 166 9.47 -2.24 -27.26
N LYS B 167 8.33 -2.68 -27.78
CA LYS B 167 7.05 -2.10 -27.41
C LYS B 167 6.75 -2.27 -25.92
N PHE B 168 7.21 -3.39 -25.34
CA PHE B 168 7.03 -3.68 -23.93
C PHE B 168 7.87 -2.76 -23.04
N ASN B 169 9.15 -2.58 -23.36
CA ASN B 169 10.06 -1.73 -22.57
C ASN B 169 9.65 -0.28 -22.47
N ALA B 170 8.82 0.16 -23.42
CA ALA B 170 8.25 1.51 -23.43
C ALA B 170 7.37 1.77 -22.21
N LEU B 171 6.88 0.69 -21.57
CA LEU B 171 6.06 0.81 -20.37
C LEU B 171 6.90 1.09 -19.12
N GLU B 172 8.22 0.92 -19.25
CA GLU B 172 9.20 1.29 -18.21
C GLU B 172 8.94 0.66 -16.84
N LEU B 173 8.64 -0.63 -16.83
CA LEU B 173 8.36 -1.36 -15.60
C LEU B 173 9.67 -1.69 -14.90
N ASP B 174 9.66 -1.66 -13.57
CA ASP B 174 10.81 -2.16 -12.80
C ASP B 174 10.57 -3.59 -12.33
N ASP B 175 11.59 -4.17 -11.70
CA ASP B 175 11.56 -5.58 -11.29
C ASP B 175 10.35 -5.97 -10.46
N SER B 176 9.91 -5.06 -9.58
CA SER B 176 8.78 -5.31 -8.70
C SER B 176 7.44 -5.32 -9.43
N ASP B 177 7.36 -4.57 -10.54
CA ASP B 177 6.19 -4.65 -11.43
C ASP B 177 6.20 -5.99 -12.16
N LEU B 178 7.35 -6.33 -12.75
CA LEU B 178 7.51 -7.59 -13.48
C LEU B 178 7.23 -8.82 -12.65
N ALA B 179 7.73 -8.83 -11.40
CA ALA B 179 7.47 -9.92 -10.45
C ALA B 179 6.00 -10.30 -10.40
N LEU B 180 5.14 -9.31 -10.19
CA LEU B 180 3.69 -9.50 -10.13
C LEU B 180 3.08 -9.84 -11.50
N PHE B 181 3.61 -9.22 -12.55
CA PHE B 181 3.16 -9.49 -13.90
C PHE B 181 3.40 -10.97 -14.26
N ILE B 182 4.63 -11.43 -14.04
CA ILE B 182 4.99 -12.84 -14.26
C ILE B 182 4.08 -13.76 -13.44
N ALA B 183 3.88 -13.44 -12.17
CA ALA B 183 3.06 -14.27 -11.29
C ALA B 183 1.65 -14.42 -11.84
N ALA B 184 1.14 -13.33 -12.42
CA ALA B 184 -0.18 -13.29 -13.03
C ALA B 184 -0.23 -14.19 -14.28
N ILE B 185 0.79 -14.09 -15.12
CA ILE B 185 0.93 -14.92 -16.31
C ILE B 185 0.85 -16.41 -15.97
N ILE B 186 1.52 -16.80 -14.88
CA ILE B 186 1.59 -18.20 -14.48
C ILE B 186 0.33 -18.70 -13.80
N LEU B 187 -0.15 -17.94 -12.83
CA LEU B 187 -1.37 -18.29 -12.10
C LEU B 187 -2.62 -17.83 -12.84
N CYS B 188 -2.75 -18.28 -14.09
CA CYS B 188 -3.85 -17.88 -14.95
C CYS B 188 -4.83 -19.03 -15.10
N GLY B 189 -6.09 -18.79 -14.77
CA GLY B 189 -7.07 -19.89 -14.68
C GLY B 189 -7.73 -20.36 -15.96
N ASP B 190 -7.24 -19.89 -17.10
CA ASP B 190 -7.85 -20.24 -18.39
C ASP B 190 -7.12 -21.38 -19.10
N ARG B 191 -6.18 -22.03 -18.40
CA ARG B 191 -5.36 -23.09 -19.00
C ARG B 191 -6.16 -24.37 -19.18
N PRO B 192 -6.02 -25.04 -20.34
CA PRO B 192 -6.77 -26.26 -20.58
C PRO B 192 -6.27 -27.40 -19.70
N GLY B 193 -7.21 -28.20 -19.20
CA GLY B 193 -6.88 -29.35 -18.35
C GLY B 193 -6.67 -28.98 -16.90
N LEU B 194 -6.91 -27.71 -16.56
CA LEU B 194 -6.85 -27.27 -15.17
C LEU B 194 -7.89 -28.00 -14.34
N MET B 195 -7.44 -28.55 -13.23
CA MET B 195 -8.25 -29.40 -12.40
C MET B 195 -9.13 -28.58 -11.45
N ASN B 196 -8.50 -27.67 -10.70
CA ASN B 196 -9.22 -26.81 -9.75
C ASN B 196 -9.21 -25.34 -10.20
N VAL B 197 -10.12 -25.03 -11.12
CA VAL B 197 -10.17 -23.71 -11.76
C VAL B 197 -10.56 -22.59 -10.78
N PRO B 198 -11.67 -22.75 -10.02
CA PRO B 198 -12.07 -21.65 -9.14
C PRO B 198 -10.94 -21.18 -8.22
N ARG B 199 -10.21 -22.13 -7.65
CA ARG B 199 -9.06 -21.80 -6.80
C ARG B 199 -8.00 -20.98 -7.54
N VAL B 200 -7.59 -21.45 -8.73
CA VAL B 200 -6.60 -20.73 -9.52
C VAL B 200 -7.07 -19.31 -9.83
N GLU B 201 -8.34 -19.18 -10.23
CA GLU B 201 -8.98 -17.88 -10.50
C GLU B 201 -8.92 -16.96 -9.28
N ALA B 202 -9.20 -17.50 -8.10
CA ALA B 202 -9.13 -16.75 -6.85
C ALA B 202 -7.73 -16.20 -6.60
N ILE B 203 -6.72 -17.04 -6.79
CA ILE B 203 -5.33 -16.62 -6.59
C ILE B 203 -4.93 -15.55 -7.60
N GLN B 204 -5.38 -15.71 -8.83
CA GLN B 204 -5.07 -14.75 -9.87
C GLN B 204 -5.62 -13.38 -9.54
N ASP B 205 -6.88 -13.34 -9.14
CA ASP B 205 -7.55 -12.09 -8.84
C ASP B 205 -6.82 -11.31 -7.75
N THR B 206 -6.28 -12.05 -6.79
CA THR B 206 -5.46 -11.46 -5.76
C THR B 206 -4.23 -10.84 -6.37
N ILE B 207 -3.52 -11.61 -7.21
CA ILE B 207 -2.31 -11.11 -7.88
C ILE B 207 -2.60 -9.86 -8.67
N LEU B 208 -3.65 -9.90 -9.49
CA LEU B 208 -4.05 -8.76 -10.30
C LEU B 208 -4.42 -7.51 -9.49
N ARG B 209 -5.16 -7.70 -8.39
CA ARG B 209 -5.47 -6.58 -7.49
C ARG B 209 -4.20 -6.00 -6.89
N ALA B 210 -3.29 -6.90 -6.48
CA ALA B 210 -2.00 -6.50 -5.94
C ALA B 210 -1.20 -5.72 -6.98
N LEU B 211 -1.10 -6.27 -8.18
CA LEU B 211 -0.40 -5.62 -9.27
C LEU B 211 -0.93 -4.20 -9.47
N GLU B 212 -2.25 -4.07 -9.50
CA GLU B 212 -2.92 -2.80 -9.76
C GLU B 212 -2.66 -1.77 -8.67
N PHE B 213 -2.76 -2.19 -7.40
CA PHE B 213 -2.46 -1.32 -6.28
C PHE B 213 -1.01 -0.89 -6.36
N HIS B 214 -0.13 -1.85 -6.66
CA HIS B 214 1.31 -1.62 -6.79
C HIS B 214 1.68 -0.64 -7.90
N LEU B 215 0.93 -0.67 -8.99
CA LEU B 215 1.19 0.24 -10.12
C LEU B 215 0.84 1.69 -9.79
N GLN B 216 -0.18 1.89 -8.95
CA GLN B 216 -0.55 3.22 -8.49
C GLN B 216 0.57 3.85 -7.69
N ALA B 217 1.05 3.11 -6.68
CA ALA B 217 2.12 3.57 -5.79
C ALA B 217 3.45 3.75 -6.53
N ASN B 218 3.83 2.73 -7.28
CA ASN B 218 5.12 2.72 -7.97
C ASN B 218 5.18 3.65 -9.19
N HIS B 219 4.04 3.87 -9.85
CA HIS B 219 3.96 4.75 -11.02
C HIS B 219 2.78 5.72 -10.90
N PRO B 220 2.90 6.74 -10.03
CA PRO B 220 1.75 7.60 -9.72
C PRO B 220 1.16 8.32 -10.94
N ASP B 221 2.02 8.69 -11.89
CA ASP B 221 1.61 9.53 -13.02
C ASP B 221 1.23 8.74 -14.29
N ALA B 222 1.69 7.50 -14.37
CA ALA B 222 1.40 6.66 -15.54
C ALA B 222 -0.07 6.27 -15.61
N GLN B 223 -0.79 6.87 -16.55
CA GLN B 223 -2.18 6.53 -16.80
C GLN B 223 -2.32 5.24 -17.61
N TYR B 224 -3.45 4.56 -17.42
CA TYR B 224 -3.83 3.36 -18.17
C TYR B 224 -2.80 2.22 -18.14
N LEU B 225 -1.88 2.26 -17.18
CA LEU B 225 -0.81 1.26 -17.13
C LEU B 225 -1.32 -0.16 -16.88
N PHE B 226 -2.30 -0.28 -16.00
CA PHE B 226 -2.89 -1.58 -15.69
C PHE B 226 -3.64 -2.22 -16.87
N PRO B 227 -4.62 -1.52 -17.48
CA PRO B 227 -5.27 -2.14 -18.65
C PRO B 227 -4.33 -2.41 -19.83
N LYS B 228 -3.33 -1.54 -20.04
CA LYS B 228 -2.36 -1.76 -21.10
C LYS B 228 -1.58 -3.05 -20.85
N LEU B 229 -1.25 -3.28 -19.57
CA LEU B 229 -0.58 -4.51 -19.16
C LEU B 229 -1.40 -5.78 -19.40
N LEU B 230 -2.72 -5.70 -19.16
CA LEU B 230 -3.63 -6.80 -19.44
C LEU B 230 -3.63 -7.14 -20.94
N GLN B 231 -3.65 -6.10 -21.77
CA GLN B 231 -3.55 -6.27 -23.22
C GLN B 231 -2.22 -6.94 -23.59
N LYS B 232 -1.15 -6.60 -22.88
CA LYS B 232 0.14 -7.25 -23.12
C LYS B 232 0.07 -8.77 -22.90
N MET B 233 -0.75 -9.23 -21.96
CA MET B 233 -0.96 -10.66 -21.71
C MET B 233 -1.69 -11.36 -22.86
N ALA B 234 -2.66 -10.68 -23.47
CA ALA B 234 -3.32 -11.20 -24.66
C ALA B 234 -2.32 -11.30 -25.82
N ASP B 235 -1.42 -10.32 -25.93
CA ASP B 235 -0.38 -10.27 -26.96
C ASP B 235 0.60 -11.44 -26.83
N LEU B 236 0.96 -11.75 -25.59
CA LEU B 236 1.86 -12.86 -25.29
C LEU B 236 1.26 -14.20 -25.68
N ARG B 237 -0.06 -14.33 -25.57
CA ARG B 237 -0.75 -15.53 -26.01
C ARG B 237 -0.56 -15.75 -27.51
N GLN B 238 -0.74 -14.67 -28.27
CA GLN B 238 -0.61 -14.67 -29.72
C GLN B 238 0.84 -14.98 -30.08
N LEU B 239 1.75 -14.45 -29.28
CA LEU B 239 3.17 -14.63 -29.50
C LEU B 239 3.54 -16.10 -29.36
N VAL B 240 3.09 -16.71 -28.26
CA VAL B 240 3.39 -18.10 -27.96
C VAL B 240 2.75 -19.05 -28.98
N THR B 241 1.51 -18.75 -29.38
CA THR B 241 0.82 -19.51 -30.42
C THR B 241 1.65 -19.52 -31.69
N GLU B 242 2.07 -18.33 -32.11
CA GLU B 242 2.89 -18.18 -33.32
C GLU B 242 4.26 -18.86 -33.17
N HIS B 243 4.79 -18.91 -31.94
CA HIS B 243 6.03 -19.62 -31.67
C HIS B 243 5.86 -21.12 -31.87
N ALA B 244 4.81 -21.67 -31.25
CA ALA B 244 4.47 -23.08 -31.40
C ALA B 244 4.34 -23.49 -32.86
N GLN B 245 3.69 -22.64 -33.65
CA GLN B 245 3.50 -22.89 -35.07
C GLN B 245 4.82 -23.00 -35.83
N MET B 246 5.79 -22.20 -35.43
CA MET B 246 7.09 -22.21 -36.08
C MET B 246 7.91 -23.42 -35.69
N MET B 247 7.75 -23.88 -34.45
CA MET B 247 8.48 -25.03 -33.95
C MET B 247 7.99 -26.30 -34.63
N GLN B 248 6.71 -26.30 -35.02
CA GLN B 248 6.12 -27.36 -35.84
C GLN B 248 6.82 -27.44 -37.19
N ARG B 249 7.12 -26.28 -37.77
CA ARG B 249 7.79 -26.20 -39.06
C ARG B 249 9.22 -26.73 -39.02
N ILE B 250 9.92 -26.47 -37.93
CA ILE B 250 11.29 -26.98 -37.76
C ILE B 250 11.29 -28.50 -37.53
N LYS B 251 10.33 -28.98 -36.75
CA LYS B 251 10.21 -30.41 -36.47
C LYS B 251 9.88 -31.18 -37.75
N LYS B 252 9.16 -30.55 -38.67
CA LYS B 252 8.74 -31.18 -39.92
C LYS B 252 9.76 -31.04 -41.08
N THR B 253 10.31 -29.84 -41.27
CA THR B 253 11.22 -29.55 -42.39
C THR B 253 12.72 -29.69 -42.05
N GLU B 254 13.07 -29.47 -40.78
CA GLU B 254 14.45 -29.60 -40.31
C GLU B 254 14.58 -30.85 -39.45
N THR B 255 14.35 -32.02 -40.04
CA THR B 255 14.33 -33.28 -39.28
C THR B 255 15.68 -33.65 -38.65
N GLU B 256 16.76 -33.10 -39.20
CA GLU B 256 18.10 -33.37 -38.66
C GLU B 256 18.35 -32.62 -37.34
N THR B 257 17.61 -31.51 -37.14
CA THR B 257 17.69 -30.73 -35.89
C THR B 257 16.94 -31.44 -34.76
N SER B 258 17.44 -31.30 -33.53
CA SER B 258 16.83 -31.96 -32.38
C SER B 258 16.30 -30.95 -31.39
N LEU B 259 15.14 -31.25 -30.84
CA LEU B 259 14.46 -30.39 -29.89
C LEU B 259 14.49 -31.03 -28.49
N HIS B 260 14.90 -30.25 -27.49
CA HIS B 260 14.95 -30.70 -26.10
C HIS B 260 13.60 -31.30 -25.67
N PRO B 261 13.64 -32.50 -25.06
CA PRO B 261 12.41 -33.22 -24.73
C PRO B 261 11.38 -32.39 -23.94
N LEU B 262 11.86 -31.55 -23.03
CA LEU B 262 10.97 -30.71 -22.22
C LEU B 262 10.22 -29.69 -23.07
N LEU B 263 10.86 -29.20 -24.13
CA LEU B 263 10.19 -28.25 -25.05
C LEU B 263 9.23 -28.99 -25.98
N GLN B 264 9.62 -30.19 -26.41
CA GLN B 264 8.72 -31.09 -27.13
C GLN B 264 7.40 -31.32 -26.38
N GLU B 265 7.48 -31.48 -25.06
CA GLU B 265 6.28 -31.68 -24.23
C GLU B 265 5.35 -30.47 -24.27
N ILE B 266 5.93 -29.27 -24.19
CA ILE B 266 5.16 -28.02 -24.08
C ILE B 266 4.47 -27.64 -25.40
N TYR B 267 5.12 -27.91 -26.53
CA TYR B 267 4.55 -27.53 -27.83
C TYR B 267 3.51 -28.52 -28.33
N LYS B 268 3.38 -29.63 -27.59
CA LYS B 268 2.53 -30.77 -27.96
C LYS B 268 1.05 -30.41 -28.12
N ASP B 269 0.41 -30.03 -27.01
CA ASP B 269 -1.05 -29.86 -26.97
C ASP B 269 -1.49 -28.41 -27.17
I IOD C . -10.84 -0.14 24.02
N1 DY6 D . -2.90 14.73 22.41
S2 DY6 D . -3.58 13.23 22.86
C3 DY6 D . -1.59 15.00 23.05
C4 DY6 D . -3.87 15.86 22.28
C5 DY6 D . -3.28 12.57 21.24
O6 DY6 D . -5.01 13.31 23.11
O7 DY6 D . -2.70 12.53 23.78
C8 DY6 D . -1.10 16.37 22.84
C9 DY6 D . -3.46 17.18 22.88
C10 DY6 D . -2.10 11.89 20.98
C11 DY6 D . -4.22 12.78 20.26
C12 DY6 D . -1.99 17.42 22.76
C13 DY6 D . 0.25 16.60 22.73
C14 DY6 D . -1.90 11.39 19.71
C15 DY6 D . -4.00 12.29 18.99
C16 DY6 D . -1.54 18.70 22.56
C17 DY6 D . 0.71 17.88 22.54
C18 DY6 D . -0.67 10.65 19.39
C19 DY6 D . -2.83 11.59 18.72
C20 DY6 D . -0.18 18.94 22.45
N21 DY6 D . -0.14 10.96 18.17
O22 DY6 D . -0.22 9.82 20.18
C23 DY6 D . 1.06 10.37 17.69
C24 DY6 D . 1.44 10.59 16.38
C25 DY6 D . 1.83 9.59 18.52
C26 DY6 D . 2.60 10.04 15.90
C27 DY6 D . 0.64 11.42 15.49
C28 DY6 D . 2.99 9.02 18.03
C29 DY6 D . 3.37 9.24 16.72
O30 DY6 D . -0.58 11.55 15.76
O31 DY6 D . 1.26 11.93 14.51
N1 DY6 E . 13.46 -17.86 -27.45
S2 DY6 E . 13.54 -16.14 -27.46
C3 DY6 E . 13.35 -18.45 -28.80
C4 DY6 E . 12.59 -18.47 -26.40
C5 DY6 E . 15.16 -16.05 -26.75
O6 DY6 E . 12.62 -15.54 -26.51
O7 DY6 E . 13.64 -15.65 -28.81
C8 DY6 E . 13.42 -19.91 -28.74
C9 DY6 E . 11.87 -19.74 -26.82
C10 DY6 E . 16.25 -15.94 -27.59
C11 DY6 E . 15.31 -16.09 -25.37
C12 DY6 E . 12.70 -20.55 -27.76
C13 DY6 E . 14.19 -20.64 -29.62
C14 DY6 E . 17.50 -15.87 -27.02
C15 DY6 E . 16.57 -16.03 -24.83
C16 DY6 E . 12.73 -21.92 -27.66
C17 DY6 E . 14.22 -22.01 -29.53
C18 DY6 E . 18.69 -15.76 -27.89
C19 DY6 E . 17.67 -15.92 -25.65
C20 DY6 E . 13.49 -22.66 -28.55
N21 DY6 E . 19.66 -16.63 -27.49
O22 DY6 E . 18.71 -14.99 -28.85
C23 DY6 E . 20.93 -16.68 -28.08
C24 DY6 E . 21.98 -17.15 -27.31
C25 DY6 E . 21.14 -16.27 -29.38
C26 DY6 E . 23.25 -17.22 -27.87
C27 DY6 E . 21.78 -17.59 -25.92
C28 DY6 E . 22.41 -16.35 -29.91
C29 DY6 E . 23.46 -16.83 -29.17
O30 DY6 E . 20.65 -17.38 -25.38
O31 DY6 E . 22.78 -18.15 -25.40
#